data_2B7Y
#
_entry.id   2B7Y
#
_cell.length_a   90.000
_cell.length_b   89.300
_cell.length_c   67.400
_cell.angle_alpha   90.00
_cell.angle_beta   90.00
_cell.angle_gamma   90.00
#
_symmetry.space_group_name_H-M   'P 21 21 21'
#
loop_
_entity.id
_entity.type
_entity.pdbx_description
1 polymer 'Favin beta chain'
2 polymer 'Favin alpha chain'
3 non-polymer alpha-D-glucopyranose
4 non-polymer 2-acetamido-2-deoxy-beta-D-glucopyranose
5 non-polymer 'MANGANESE (II) ION'
6 non-polymer 'CALCIUM ION'
7 water water
#
loop_
_entity_poly.entity_id
_entity_poly.type
_entity_poly.pdbx_seq_one_letter_code
_entity_poly.pdbx_strand_id
1 'polypeptide(L)'
;TDEITSFSIPKFRPDQPNLIFQGGGYTTKEKLTLTKAVKNTVGRALYSLPIHIWDSETGNVADFTTTFIFVIDAPNGYNV
ADGFTFFIAPVDTKPQTGGGYLGVFNGKDYDKTAQTVAVEFDTFYNAAWDPSNGKRHIGIDVNTIKSISTKSWNLQNGEE
AHVAISFNATTNVLSVTLLYPN
;
A,C
2 'polypeptide(L)' LTGYTLSEVVPLKDVVPEWVRIGFSATTGAEYATHEVLSWTFLSELTGPSN B,D
#
# COMPACT_ATOMS: atom_id res chain seq x y z
N ASP A 2 -10.37 2.93 -0.01
CA ASP A 2 -11.83 2.87 -0.20
C ASP A 2 -12.56 1.72 0.55
N GLU A 3 -12.02 0.49 0.56
CA GLU A 3 -12.60 -0.66 1.31
C GLU A 3 -11.51 -1.70 1.37
N ILE A 4 -11.03 -2.09 2.53
CA ILE A 4 -9.92 -3.07 2.60
C ILE A 4 -8.53 -2.65 2.11
N THR A 5 -7.66 -2.37 3.06
CA THR A 5 -6.24 -2.26 2.91
C THR A 5 -5.72 -3.07 4.10
N SER A 6 -4.79 -3.96 3.84
CA SER A 6 -4.08 -4.56 4.94
C SER A 6 -2.74 -4.99 4.44
N PHE A 7 -1.84 -5.12 5.38
CA PHE A 7 -0.58 -5.71 5.12
C PHE A 7 -0.16 -6.42 6.40
N SER A 8 1.03 -7.01 6.37
CA SER A 8 1.65 -7.52 7.58
C SER A 8 3.10 -7.72 7.22
N ILE A 9 3.97 -7.43 8.19
CA ILE A 9 5.40 -7.33 8.02
C ILE A 9 5.93 -7.97 9.26
N PRO A 10 6.52 -9.17 9.10
CA PRO A 10 7.07 -9.95 10.17
C PRO A 10 8.51 -9.66 10.45
N LYS A 11 9.27 -9.23 9.45
CA LYS A 11 10.64 -8.80 9.68
C LYS A 11 10.84 -7.54 8.90
N PHE A 12 11.74 -6.67 9.32
CA PHE A 12 12.05 -5.55 8.48
C PHE A 12 13.38 -5.76 7.82
N ARG A 13 13.45 -5.44 6.53
CA ARG A 13 14.63 -5.74 5.74
C ARG A 13 15.32 -4.49 5.28
N PRO A 14 16.65 -4.51 5.38
CA PRO A 14 17.51 -3.35 5.06
C PRO A 14 16.94 -2.35 4.09
N ASP A 15 16.55 -2.74 2.88
CA ASP A 15 15.70 -1.78 2.19
C ASP A 15 14.21 -2.04 2.23
N GLN A 16 13.46 -1.02 2.60
CA GLN A 16 12.03 -1.14 2.62
C GLN A 16 11.40 -0.09 1.72
N PRO A 17 11.28 -0.40 0.43
CA PRO A 17 10.62 0.45 -0.54
C PRO A 17 9.24 0.81 -0.11
N ASN A 18 8.65 0.14 0.85
CA ASN A 18 7.30 0.52 1.18
C ASN A 18 7.21 1.38 2.40
N LEU A 19 8.33 1.84 2.91
CA LEU A 19 8.32 2.62 4.13
C LEU A 19 9.05 3.89 3.96
N ILE A 20 8.47 4.98 4.40
CA ILE A 20 9.10 6.26 4.27
C ILE A 20 9.78 6.56 5.60
N PHE A 21 11.10 6.54 5.64
CA PHE A 21 11.80 6.95 6.85
C PHE A 21 12.05 8.40 6.86
N GLN A 22 12.08 8.92 8.07
CA GLN A 22 12.45 10.30 8.31
C GLN A 22 13.13 10.30 9.65
N GLY A 23 14.05 11.26 9.84
CA GLY A 23 14.84 11.33 11.06
C GLY A 23 15.86 10.21 11.07
N GLY A 24 16.26 9.80 12.26
CA GLY A 24 17.15 8.67 12.42
C GLY A 24 16.55 7.30 12.09
N GLY A 25 15.26 7.21 11.79
CA GLY A 25 14.70 5.92 11.37
C GLY A 25 15.38 5.26 10.16
N TYR A 26 16.04 4.13 10.40
CA TYR A 26 16.62 3.26 9.35
C TYR A 26 16.26 1.84 9.76
N THR A 27 16.24 0.92 8.81
CA THR A 27 15.90 -0.45 9.13
C THR A 27 17.14 -1.28 9.10
N THR A 28 17.45 -1.84 10.26
CA THR A 28 18.55 -2.78 10.44
C THR A 28 18.20 -4.13 9.79
N LYS A 29 19.02 -5.15 10.00
CA LYS A 29 18.75 -6.48 9.44
C LYS A 29 17.36 -7.03 9.73
N GLU A 30 16.86 -6.92 10.96
CA GLU A 30 15.58 -7.55 11.24
C GLU A 30 14.53 -6.63 11.83
N LYS A 31 15.02 -5.60 12.50
CA LYS A 31 14.24 -4.70 13.29
C LYS A 31 14.11 -3.42 12.50
N LEU A 32 13.34 -2.49 13.06
CA LEU A 32 13.24 -1.14 12.58
C LEU A 32 13.67 -0.30 13.76
N THR A 33 14.78 0.39 13.60
CA THR A 33 15.23 1.21 14.69
C THR A 33 14.84 2.63 14.40
N LEU A 34 14.01 3.12 15.31
CA LEU A 34 13.58 4.46 15.32
C LEU A 34 14.54 5.32 16.10
N THR A 35 15.40 4.72 16.91
CA THR A 35 16.20 5.51 17.82
C THR A 35 17.36 4.77 18.38
N LYS A 36 18.47 5.45 18.53
CA LYS A 36 19.62 4.80 19.12
C LYS A 36 19.81 5.34 20.48
N ALA A 37 20.40 4.54 21.36
CA ALA A 37 20.75 5.07 22.67
C ALA A 37 21.77 6.19 22.42
N VAL A 38 21.25 7.42 22.28
CA VAL A 38 21.97 8.59 21.82
C VAL A 38 21.08 9.79 22.05
N LYS A 39 21.57 10.82 22.73
CA LYS A 39 20.76 12.02 22.98
C LYS A 39 20.25 12.72 21.76
N ASN A 40 19.08 13.34 21.96
CA ASN A 40 18.44 14.30 21.03
C ASN A 40 18.14 13.90 19.56
N THR A 41 17.44 12.79 19.35
CA THR A 41 17.01 12.47 18.00
C THR A 41 15.51 12.23 17.90
N VAL A 42 15.05 12.26 16.68
CA VAL A 42 13.74 11.80 16.36
C VAL A 42 13.89 10.76 15.23
N GLY A 43 12.89 9.88 15.09
CA GLY A 43 12.89 8.86 14.04
C GLY A 43 11.43 8.63 13.78
N ARG A 44 11.05 8.38 12.55
CA ARG A 44 9.66 8.24 12.21
C ARG A 44 9.69 7.30 11.04
N ALA A 45 8.73 6.38 10.97
CA ALA A 45 8.68 5.58 9.76
C ALA A 45 7.23 5.45 9.40
N LEU A 46 6.90 5.63 8.13
CA LEU A 46 5.53 5.76 7.76
C LEU A 46 5.19 4.77 6.68
N TYR A 47 4.08 4.04 6.82
CA TYR A 47 3.66 3.20 5.72
C TYR A 47 3.55 4.07 4.45
N SER A 48 4.19 3.63 3.38
CA SER A 48 4.20 4.33 2.09
C SER A 48 2.82 4.64 1.46
N LEU A 49 1.96 3.63 1.40
CA LEU A 49 0.57 3.78 0.98
C LEU A 49 -0.28 4.77 1.84
N PRO A 50 -0.70 5.89 1.25
CA PRO A 50 -1.86 6.64 1.76
C PRO A 50 -2.96 5.68 2.11
N ILE A 51 -3.92 6.10 2.90
CA ILE A 51 -4.91 5.12 3.36
C ILE A 51 -6.22 5.81 3.67
N HIS A 52 -7.31 5.41 3.06
CA HIS A 52 -8.48 6.22 3.08
C HIS A 52 -9.28 5.96 4.32
N ILE A 53 -9.12 6.79 5.36
CA ILE A 53 -9.72 6.57 6.69
C ILE A 53 -11.24 6.90 6.77
N TRP A 54 -11.73 7.62 5.78
CA TRP A 54 -13.10 8.09 5.84
C TRP A 54 -13.44 8.76 4.55
N ASP A 55 -14.72 8.76 4.25
CA ASP A 55 -15.11 9.18 2.97
C ASP A 55 -16.23 10.15 3.03
N SER A 56 -15.97 11.34 2.48
CA SER A 56 -16.94 12.42 2.45
C SER A 56 -18.06 12.01 1.52
N GLU A 57 -17.68 11.27 0.48
CA GLU A 57 -18.62 10.73 -0.49
C GLU A 57 -19.83 10.14 0.16
N THR A 58 -19.59 9.34 1.20
CA THR A 58 -20.63 8.57 1.89
C THR A 58 -20.79 9.06 3.31
N GLY A 59 -19.70 9.44 3.94
CA GLY A 59 -19.74 9.77 5.35
C GLY A 59 -19.19 8.73 6.32
N ASN A 60 -19.01 7.49 5.86
CA ASN A 60 -18.51 6.40 6.74
C ASN A 60 -17.03 6.56 7.06
N VAL A 61 -16.67 6.17 8.28
CA VAL A 61 -15.29 6.12 8.74
C VAL A 61 -14.95 4.66 8.69
N ALA A 62 -13.72 4.34 8.33
CA ALA A 62 -13.23 2.98 8.42
C ALA A 62 -13.09 2.56 9.85
N ASP A 63 -13.08 1.26 10.12
CA ASP A 63 -12.38 0.85 11.36
C ASP A 63 -11.22 0.00 11.01
N PHE A 64 -10.20 0.09 11.84
CA PHE A 64 -8.96 -0.53 11.52
C PHE A 64 -8.35 -1.14 12.77
N THR A 65 -7.41 -2.06 12.56
CA THR A 65 -6.72 -2.80 13.62
C THR A 65 -5.26 -2.93 13.29
N THR A 66 -4.39 -2.37 14.09
CA THR A 66 -3.02 -2.51 13.80
C THR A 66 -2.28 -3.35 14.86
N THR A 67 -1.11 -3.85 14.53
CA THR A 67 -0.44 -4.68 15.48
C THR A 67 1.04 -4.65 15.34
N PHE A 68 1.71 -4.40 16.44
CA PHE A 68 3.13 -4.46 16.34
C PHE A 68 3.79 -5.05 17.54
N ILE A 69 5.07 -5.36 17.39
CA ILE A 69 5.86 -5.55 18.56
C ILE A 69 6.86 -4.49 18.53
N PHE A 70 7.01 -3.79 19.64
CA PHE A 70 8.17 -2.92 19.74
C PHE A 70 9.01 -3.24 20.98
N VAL A 71 10.27 -2.78 21.00
CA VAL A 71 11.15 -2.90 22.16
C VAL A 71 11.78 -1.58 22.57
N ILE A 72 11.79 -1.31 23.87
CA ILE A 72 12.54 -0.15 24.35
C ILE A 72 13.69 -0.52 25.25
N ASP A 73 14.90 -0.39 24.72
CA ASP A 73 16.10 -0.93 25.34
C ASP A 73 17.00 0.16 25.75
N ALA A 74 17.00 0.45 27.02
CA ALA A 74 17.71 1.59 27.56
C ALA A 74 18.90 1.14 28.36
N PRO A 75 20.07 1.74 28.11
CA PRO A 75 21.31 1.48 28.89
C PRO A 75 21.11 1.55 30.42
N ASN A 76 20.50 2.63 30.92
CA ASN A 76 20.16 2.67 32.35
C ASN A 76 18.68 2.82 32.68
N GLY A 77 18.10 1.67 33.03
CA GLY A 77 16.74 1.58 33.57
C GLY A 77 16.21 2.75 34.39
N TYR A 78 17.08 3.71 34.73
CA TYR A 78 16.65 4.92 35.47
C TYR A 78 16.44 6.10 34.56
N ASN A 79 17.46 6.46 33.81
CA ASN A 79 17.37 7.64 33.03
C ASN A 79 17.04 7.21 31.63
N VAL A 80 15.76 7.03 31.37
CA VAL A 80 15.31 6.79 30.00
C VAL A 80 14.37 7.89 29.56
N ALA A 81 14.22 8.07 28.25
CA ALA A 81 13.27 9.02 27.68
C ALA A 81 13.24 8.74 26.17
N ASP A 82 12.28 9.25 25.42
CA ASP A 82 11.24 10.15 25.87
C ASP A 82 9.93 9.44 25.59
N GLY A 83 10.00 8.58 24.55
CA GLY A 83 8.95 7.64 24.21
C GLY A 83 8.79 7.24 22.74
N PHE A 84 7.70 6.51 22.51
CA PHE A 84 7.43 5.85 21.26
C PHE A 84 5.95 6.06 21.09
N THR A 85 5.46 5.83 19.87
CA THR A 85 4.18 6.40 19.48
C THR A 85 3.70 5.96 18.12
N PHE A 86 2.48 5.47 18.04
CA PHE A 86 1.93 5.12 16.75
C PHE A 86 0.97 6.24 16.48
N PHE A 87 0.99 6.68 15.23
CA PHE A 87 0.34 7.89 14.89
C PHE A 87 -0.28 7.84 13.52
N ILE A 88 -1.30 8.69 13.37
CA ILE A 88 -2.13 8.81 12.19
C ILE A 88 -2.31 10.26 12.02
N ALA A 89 -1.85 10.70 10.87
CA ALA A 89 -1.44 12.03 10.61
C ALA A 89 -1.80 12.23 9.16
N PRO A 90 -1.74 13.49 8.71
CA PRO A 90 -2.01 13.81 7.36
C PRO A 90 -0.85 13.37 6.50
N VAL A 91 -1.19 13.20 5.25
CA VAL A 91 -0.58 12.31 4.37
C VAL A 91 0.88 12.66 4.08
N ASP A 92 1.35 13.79 4.56
CA ASP A 92 2.76 14.10 4.34
C ASP A 92 3.40 14.85 5.48
N THR A 93 3.11 14.40 6.70
CA THR A 93 3.76 14.87 7.92
C THR A 93 5.30 14.80 7.87
N LYS A 94 5.92 15.66 8.67
CA LYS A 94 7.32 15.57 8.87
C LYS A 94 7.46 15.56 10.37
N PRO A 95 8.67 15.22 10.82
CA PRO A 95 8.99 15.29 12.23
C PRO A 95 8.49 16.60 12.84
N GLN A 96 7.64 16.51 13.87
CA GLN A 96 7.31 17.70 14.70
C GLN A 96 8.34 17.89 15.75
N THR A 97 8.08 18.76 16.73
CA THR A 97 9.09 18.98 17.80
C THR A 97 9.42 17.66 18.45
N GLY A 98 10.70 17.48 18.71
CA GLY A 98 11.20 16.29 19.40
C GLY A 98 11.07 16.33 20.90
N GLY A 99 12.03 15.71 21.57
CA GLY A 99 11.94 15.33 22.99
C GLY A 99 10.54 14.93 23.44
N GLY A 100 10.10 15.57 24.51
CA GLY A 100 8.72 15.42 24.98
C GLY A 100 7.61 15.40 23.93
N TYR A 101 7.79 16.05 22.78
CA TYR A 101 6.66 16.04 21.84
C TYR A 101 6.65 14.82 20.87
N LEU A 102 7.67 13.94 21.03
CA LEU A 102 7.83 12.69 20.29
C LEU A 102 7.80 12.82 18.75
N GLY A 103 8.25 13.97 18.24
CA GLY A 103 8.16 14.28 16.82
C GLY A 103 6.75 14.22 16.21
N VAL A 104 5.74 14.46 17.02
CA VAL A 104 4.39 14.43 16.49
C VAL A 104 3.62 15.71 16.83
N PHE A 105 4.03 16.36 17.92
CA PHE A 105 3.37 17.60 18.31
C PHE A 105 4.40 18.70 18.57
N ASN A 106 3.89 19.91 18.76
CA ASN A 106 4.73 21.02 19.20
C ASN A 106 4.10 21.73 20.39
N GLY A 107 2.86 21.41 20.70
CA GLY A 107 2.17 22.07 21.80
C GLY A 107 1.38 21.32 22.88
N LYS A 108 1.54 21.79 24.13
CA LYS A 108 0.58 21.45 25.19
C LYS A 108 -0.90 21.83 24.87
N ASP A 109 -1.12 22.52 23.74
CA ASP A 109 -2.42 23.06 23.38
C ASP A 109 -3.14 22.40 22.19
N TYR A 110 -4.43 22.12 22.36
CA TYR A 110 -5.28 21.65 21.25
C TYR A 110 -5.09 22.51 19.99
N ASP A 111 -4.40 21.96 19.01
CA ASP A 111 -4.04 22.71 17.86
C ASP A 111 -4.76 22.08 16.69
N LYS A 112 -6.08 22.31 16.61
CA LYS A 112 -6.80 21.75 15.47
C LYS A 112 -5.94 21.67 14.19
N THR A 113 -5.13 22.69 13.90
CA THR A 113 -4.46 22.77 12.61
C THR A 113 -3.68 21.52 12.20
N ALA A 114 -2.51 21.35 12.79
CA ALA A 114 -1.66 20.20 12.59
C ALA A 114 -2.46 19.01 13.15
N GLN A 115 -2.95 18.14 12.24
CA GLN A 115 -4.13 17.30 12.55
C GLN A 115 -3.90 15.81 12.65
N THR A 116 -3.40 15.40 13.82
CA THR A 116 -2.87 14.05 14.01
C THR A 116 -3.32 13.50 15.34
N VAL A 117 -3.51 12.18 15.40
CA VAL A 117 -3.79 11.52 16.67
C VAL A 117 -2.75 10.45 16.83
N ALA A 118 -2.43 10.16 18.08
CA ALA A 118 -1.34 9.27 18.38
C ALA A 118 -1.58 8.51 19.65
N VAL A 119 -1.04 7.30 19.67
CA VAL A 119 -1.08 6.49 20.84
C VAL A 119 0.35 6.55 21.23
N GLU A 120 0.56 6.94 22.48
CA GLU A 120 1.87 7.25 23.01
C GLU A 120 2.24 6.38 24.16
N PHE A 121 3.45 5.83 24.09
CA PHE A 121 3.98 5.01 25.17
C PHE A 121 5.06 5.85 25.80
N ASP A 122 4.65 6.64 26.77
CA ASP A 122 5.45 7.73 27.27
C ASP A 122 6.38 7.26 28.36
N THR A 123 7.66 7.53 28.23
CA THR A 123 8.56 7.04 29.28
C THR A 123 9.32 8.12 30.05
N PHE A 124 8.93 9.39 29.87
CA PHE A 124 9.57 10.49 30.60
C PHE A 124 8.60 11.57 31.05
N TYR A 125 8.60 11.82 32.36
CA TYR A 125 7.74 12.81 32.99
C TYR A 125 8.05 14.26 32.56
N ASN A 126 7.12 14.85 31.87
CA ASN A 126 7.28 16.23 31.58
C ASN A 126 6.31 16.99 32.49
N ALA A 127 6.90 17.56 33.55
CA ALA A 127 6.14 18.11 34.68
C ALA A 127 5.05 18.98 34.14
N ALA A 128 5.37 19.58 33.00
CA ALA A 128 4.53 20.54 32.31
C ALA A 128 3.20 19.98 31.80
N TRP A 129 3.17 18.72 31.33
CA TRP A 129 1.89 18.18 30.78
C TRP A 129 1.45 16.76 31.06
N ASP A 130 2.41 15.89 31.34
CA ASP A 130 2.13 14.48 31.59
C ASP A 130 1.34 14.32 32.90
N PRO A 131 0.76 13.14 33.20
CA PRO A 131 0.03 12.99 34.41
C PRO A 131 1.03 13.11 35.51
N SER A 132 0.48 13.53 36.63
CA SER A 132 1.30 14.05 37.67
C SER A 132 1.12 13.18 38.86
N ASN A 133 2.05 12.25 38.92
CA ASN A 133 2.30 11.24 39.93
C ASN A 133 3.55 10.72 39.25
N GLY A 134 3.72 11.24 38.03
CA GLY A 134 4.92 11.13 37.25
C GLY A 134 5.27 9.73 36.87
N LYS A 135 4.31 8.82 36.91
CA LYS A 135 4.53 7.43 36.50
C LYS A 135 4.52 7.37 34.99
N ARG A 136 5.33 6.50 34.39
CA ARG A 136 5.22 6.26 32.94
C ARG A 136 3.81 5.85 32.63
N HIS A 137 3.45 5.96 31.36
CA HIS A 137 2.08 5.82 30.96
C HIS A 137 1.92 5.66 29.45
N ILE A 138 0.76 5.16 29.06
CA ILE A 138 0.39 5.17 27.66
C ILE A 138 -0.79 6.14 27.46
N GLY A 139 -0.86 6.76 26.31
CA GLY A 139 -1.85 7.80 26.18
C GLY A 139 -2.41 7.94 24.79
N ILE A 140 -3.66 8.32 24.71
CA ILE A 140 -4.21 8.68 23.43
C ILE A 140 -4.14 10.20 23.31
N ASP A 141 -3.47 10.67 22.27
CA ASP A 141 -3.19 12.08 22.08
C ASP A 141 -3.87 12.45 20.83
N VAL A 142 -4.45 13.63 20.83
CA VAL A 142 -5.17 14.11 19.66
C VAL A 142 -4.94 15.61 19.54
N ASN A 143 -4.26 16.02 18.50
CA ASN A 143 -3.92 17.43 18.39
C ASN A 143 -3.21 18.01 19.65
N THR A 144 -2.66 17.17 20.52
CA THR A 144 -1.92 17.69 21.71
C THR A 144 -0.91 16.67 22.11
N ILE A 145 0.09 17.09 22.84
CA ILE A 145 1.02 16.15 23.42
C ILE A 145 0.52 15.84 24.81
N LYS A 146 -0.64 16.41 25.14
CA LYS A 146 -1.28 16.24 26.45
C LYS A 146 -2.49 15.27 26.27
N SER A 147 -2.32 14.01 26.69
CA SER A 147 -3.17 12.92 26.17
C SER A 147 -4.58 13.10 26.70
N ILE A 148 -5.58 12.85 25.87
CA ILE A 148 -6.95 13.03 26.38
C ILE A 148 -7.23 12.03 27.50
N SER A 149 -6.21 11.22 27.81
CA SER A 149 -6.37 10.03 28.61
C SER A 149 -5.07 9.18 28.71
N THR A 150 -4.89 8.48 29.83
CA THR A 150 -3.72 7.62 30.05
C THR A 150 -4.00 6.49 31.05
N LYS A 151 -3.17 5.44 31.00
CA LYS A 151 -3.04 4.44 32.04
C LYS A 151 -1.66 4.65 32.56
N SER A 152 -1.38 4.42 33.84
CA SER A 152 0.02 4.35 34.23
C SER A 152 0.58 3.07 33.65
N TRP A 153 1.87 2.95 33.43
CA TRP A 153 2.34 1.77 32.75
C TRP A 153 3.76 1.42 33.10
N ASN A 154 3.96 0.26 33.72
CA ASN A 154 5.31 -0.21 34.08
C ASN A 154 6.08 -0.69 32.89
N LEU A 155 7.13 0.05 32.61
CA LEU A 155 8.06 -0.33 31.57
C LEU A 155 8.83 -1.56 31.95
N GLN A 156 9.17 -2.36 30.94
CA GLN A 156 10.11 -3.45 31.07
C GLN A 156 11.24 -3.36 30.05
N ASN A 157 12.29 -2.63 30.38
CA ASN A 157 13.47 -2.49 29.50
C ASN A 157 13.91 -3.77 28.79
N GLY A 158 14.15 -3.70 27.49
CA GLY A 158 14.84 -4.76 26.76
C GLY A 158 13.92 -5.87 26.36
N GLU A 159 12.66 -5.78 26.83
CA GLU A 159 11.63 -6.81 26.60
C GLU A 159 10.49 -6.51 25.59
N GLU A 160 10.04 -7.50 24.84
CA GLU A 160 9.09 -7.24 23.78
C GLU A 160 7.63 -7.09 24.29
N ALA A 161 6.91 -6.10 23.73
CA ALA A 161 5.51 -5.81 24.03
C ALA A 161 4.67 -6.06 22.78
N HIS A 162 3.61 -6.85 22.89
CA HIS A 162 2.64 -6.86 21.84
C HIS A 162 1.77 -5.73 22.24
N VAL A 163 1.29 -5.02 21.22
CA VAL A 163 0.35 -3.92 21.35
C VAL A 163 -0.70 -4.21 20.27
N ALA A 164 -1.97 -4.12 20.63
CA ALA A 164 -3.02 -4.15 19.59
C ALA A 164 -3.82 -2.86 19.63
N ILE A 165 -4.01 -2.23 18.48
CA ILE A 165 -4.83 -1.02 18.46
C ILE A 165 -5.97 -1.15 17.49
N SER A 166 -7.14 -0.85 17.99
CA SER A 166 -8.24 -0.85 17.09
C SER A 166 -9.15 0.31 17.37
N PHE A 167 -9.81 0.70 16.29
CA PHE A 167 -10.81 1.71 16.30
C PHE A 167 -12.07 1.04 15.80
N ASN A 168 -13.15 1.13 16.55
CA ASN A 168 -14.43 0.66 16.05
C ASN A 168 -15.10 1.88 15.48
N ALA A 169 -15.43 1.75 14.21
CA ALA A 169 -15.88 2.85 13.46
C ALA A 169 -17.33 3.10 13.83
N THR A 170 -18.00 2.17 14.50
CA THR A 170 -19.38 2.51 14.67
C THR A 170 -19.66 3.32 15.96
N THR A 171 -18.63 3.60 16.78
CA THR A 171 -18.78 4.27 18.08
C THR A 171 -17.59 5.14 18.36
N ASN A 172 -16.82 5.36 17.31
CA ASN A 172 -15.53 5.96 17.43
C ASN A 172 -14.75 5.63 18.67
N VAL A 173 -14.80 4.38 19.16
CA VAL A 173 -13.91 4.07 20.27
C VAL A 173 -12.58 3.54 19.77
N LEU A 174 -11.52 4.19 20.24
CA LEU A 174 -10.16 3.77 19.98
C LEU A 174 -9.66 3.08 21.21
N SER A 175 -9.11 1.88 21.05
CA SER A 175 -8.54 1.13 22.21
C SER A 175 -7.19 0.56 21.89
N VAL A 176 -6.33 0.72 22.86
CA VAL A 176 -5.03 0.20 22.80
C VAL A 176 -4.90 -0.88 23.89
N THR A 177 -4.17 -1.92 23.54
CA THR A 177 -3.75 -2.91 24.49
C THR A 177 -2.26 -3.21 24.36
N LEU A 178 -1.64 -3.29 25.52
CA LEU A 178 -0.25 -3.68 25.56
C LEU A 178 -0.06 -4.94 26.39
N LEU A 179 0.86 -5.79 25.98
CA LEU A 179 1.10 -7.04 26.69
C LEU A 179 2.57 -7.40 26.82
N TYR A 180 2.98 -7.92 27.98
CA TYR A 180 4.30 -8.55 28.12
C TYR A 180 4.15 -10.03 28.35
N PRO A 181 5.10 -10.81 27.85
CA PRO A 181 5.20 -12.21 28.22
C PRO A 181 5.31 -12.30 29.74
N ASN A 182 4.37 -12.96 30.41
CA ASN A 182 4.51 -13.14 31.87
C ASN A 182 3.52 -14.14 32.60
N LEU B 1 2.53 -11.94 32.79
CA LEU B 1 1.52 -11.80 31.78
C LEU B 1 0.95 -10.57 32.37
N THR B 2 1.80 -9.56 32.43
CA THR B 2 1.29 -8.25 32.81
C THR B 2 0.76 -7.53 31.56
N GLY B 3 -0.47 -6.99 31.68
CA GLY B 3 -1.20 -6.42 30.54
C GLY B 3 -1.78 -5.04 30.74
N TYR B 4 -1.70 -4.17 29.74
CA TYR B 4 -2.28 -2.84 29.94
C TYR B 4 -3.29 -2.58 28.88
N THR B 5 -4.29 -1.80 29.22
CA THR B 5 -5.44 -1.67 28.35
C THR B 5 -6.09 -0.26 28.45
N LEU B 6 -6.67 0.28 27.38
CA LEU B 6 -7.11 1.69 27.41
C LEU B 6 -7.97 2.08 26.25
N SER B 7 -9.17 2.59 26.45
CA SER B 7 -9.90 2.98 25.25
C SER B 7 -10.57 4.33 25.43
N GLU B 8 -11.15 4.93 24.38
CA GLU B 8 -11.61 6.31 24.49
C GLU B 8 -12.31 6.81 23.25
N VAL B 9 -13.09 7.88 23.34
CA VAL B 9 -13.90 8.25 22.20
C VAL B 9 -13.10 9.25 21.37
N VAL B 10 -12.84 8.92 20.11
CA VAL B 10 -12.05 9.80 19.29
C VAL B 10 -12.79 10.00 17.97
N PRO B 11 -13.39 11.17 17.80
CA PRO B 11 -14.10 11.50 16.56
C PRO B 11 -13.05 11.66 15.49
N LEU B 12 -12.72 10.53 14.87
CA LEU B 12 -11.65 10.51 13.90
C LEU B 12 -12.03 11.40 12.74
N LYS B 13 -13.30 11.37 12.37
CA LYS B 13 -13.74 12.01 11.17
C LYS B 13 -13.54 13.50 11.28
N ASP B 14 -13.58 13.98 12.53
CA ASP B 14 -13.62 15.39 12.78
C ASP B 14 -12.24 15.82 13.09
N VAL B 15 -11.32 14.86 13.12
CA VAL B 15 -9.97 15.20 13.49
C VAL B 15 -8.95 15.03 12.37
N VAL B 16 -9.28 14.23 11.37
CA VAL B 16 -8.27 13.73 10.48
C VAL B 16 -8.84 13.80 9.09
N PRO B 17 -7.97 14.09 8.12
CA PRO B 17 -8.32 14.13 6.71
C PRO B 17 -8.85 12.81 6.14
N GLU B 18 -9.57 12.89 5.04
CA GLU B 18 -10.06 11.73 4.34
C GLU B 18 -8.94 10.71 4.09
N TRP B 19 -7.73 11.20 3.82
CA TRP B 19 -6.60 10.32 3.54
C TRP B 19 -5.40 10.65 4.39
N VAL B 20 -4.88 9.63 5.06
CA VAL B 20 -3.85 9.83 6.04
C VAL B 20 -2.62 8.97 5.82
N ARG B 21 -1.67 9.07 6.75
CA ARG B 21 -0.62 8.10 6.80
C ARG B 21 -0.42 7.52 8.21
N ILE B 22 -0.19 6.22 8.30
CA ILE B 22 0.15 5.65 9.61
C ILE B 22 1.69 5.52 9.88
N GLY B 23 2.04 5.29 11.13
CA GLY B 23 3.45 5.39 11.46
C GLY B 23 3.84 5.49 12.89
N PHE B 24 5.13 5.34 13.08
CA PHE B 24 5.71 5.33 14.36
C PHE B 24 6.67 6.52 14.43
N SER B 25 6.71 7.10 15.61
CA SER B 25 7.82 7.91 16.03
C SER B 25 8.32 7.57 17.44
N ALA B 26 9.61 7.79 17.60
CA ALA B 26 10.28 7.59 18.87
C ALA B 26 11.25 8.73 18.87
N THR B 27 11.68 9.11 20.07
CA THR B 27 12.33 10.38 20.37
C THR B 27 13.25 10.33 21.63
N THR B 28 14.36 11.04 21.56
CA THR B 28 15.19 11.22 22.77
C THR B 28 15.56 12.67 22.92
N GLY B 29 15.76 13.05 24.17
CA GLY B 29 16.26 14.35 24.53
C GLY B 29 17.53 14.18 25.33
N ALA B 30 17.50 14.74 26.55
CA ALA B 30 18.58 14.65 27.54
C ALA B 30 18.82 13.22 27.92
N GLU B 31 17.76 12.53 28.34
CA GLU B 31 17.87 11.12 28.68
C GLU B 31 17.53 10.45 27.36
N TYR B 32 18.05 9.24 27.11
CA TYR B 32 17.74 8.60 25.84
C TYR B 32 17.37 7.12 26.03
N ALA B 33 17.13 6.38 24.94
CA ALA B 33 17.09 4.89 24.94
C ALA B 33 16.72 4.35 23.58
N THR B 34 17.06 3.11 23.29
CA THR B 34 16.79 2.60 21.96
C THR B 34 15.29 2.31 21.70
N HIS B 35 14.77 2.72 20.56
CA HIS B 35 13.39 2.35 20.24
C HIS B 35 13.33 1.60 18.92
N GLU B 36 12.93 0.34 18.99
CA GLU B 36 12.85 -0.52 17.84
C GLU B 36 11.44 -1.08 17.75
N VAL B 37 11.01 -1.36 16.52
CA VAL B 37 9.72 -1.94 16.23
C VAL B 37 10.07 -3.29 15.59
N LEU B 38 9.40 -4.38 15.98
CA LEU B 38 9.82 -5.70 15.46
C LEU B 38 9.04 -6.27 14.34
N SER B 39 7.73 -6.10 14.37
CA SER B 39 6.79 -6.57 13.32
C SER B 39 5.49 -5.78 13.44
N TRP B 40 4.74 -5.71 12.36
CA TRP B 40 3.68 -4.69 12.25
C TRP B 40 2.60 -5.16 11.30
N THR B 41 1.35 -5.32 11.74
CA THR B 41 0.27 -5.60 10.77
C THR B 41 -0.71 -4.46 10.81
N PHE B 42 -1.46 -4.30 9.72
CA PHE B 42 -2.49 -3.30 9.72
C PHE B 42 -3.67 -3.71 8.85
N LEU B 43 -4.90 -3.47 9.25
CA LEU B 43 -6.01 -3.84 8.36
C LEU B 43 -7.12 -2.85 8.56
N SER B 44 -7.65 -2.32 7.47
CA SER B 44 -8.74 -1.37 7.62
C SER B 44 -9.85 -1.74 6.68
N GLU B 45 -11.10 -1.67 7.12
CA GLU B 45 -12.26 -2.00 6.29
C GLU B 45 -13.06 -0.74 6.22
N LEU B 46 -13.33 -0.26 5.02
CA LEU B 46 -14.27 0.85 4.91
C LEU B 46 -15.50 0.42 4.12
N THR B 47 -16.50 -0.12 4.80
CA THR B 47 -17.71 -0.51 4.07
C THR B 47 -18.82 0.51 4.29
N ASP C 2 3.74 -14.64 8.48
CA ASP C 2 3.55 -14.68 6.99
C ASP C 2 3.29 -13.27 6.36
N GLU C 3 4.20 -12.78 5.49
CA GLU C 3 4.10 -11.45 4.88
C GLU C 3 3.02 -11.40 3.84
N ILE C 4 2.08 -10.50 4.01
CA ILE C 4 0.96 -10.46 3.12
C ILE C 4 0.62 -9.00 2.89
N THR C 5 -0.15 -8.78 1.81
CA THR C 5 -0.49 -7.44 1.36
C THR C 5 -1.64 -7.48 0.38
N SER C 6 -2.62 -6.66 0.62
CA SER C 6 -3.78 -6.73 -0.21
C SER C 6 -4.53 -5.40 -0.16
N PHE C 7 -5.34 -5.19 -1.16
CA PHE C 7 -6.24 -4.10 -1.08
C PHE C 7 -7.47 -4.41 -1.92
N SER C 8 -8.39 -3.47 -1.93
CA SER C 8 -9.47 -3.63 -2.87
C SER C 8 -10.25 -2.33 -3.12
N ILE C 9 -10.47 -1.98 -4.37
CA ILE C 9 -11.01 -0.70 -4.67
C ILE C 9 -12.29 -0.87 -5.45
N PRO C 10 -13.43 -0.70 -4.79
CA PRO C 10 -14.77 -0.96 -5.40
C PRO C 10 -15.23 0.07 -6.45
N LYS C 11 -14.62 1.27 -6.39
CA LYS C 11 -15.09 2.45 -7.06
C LYS C 11 -13.87 3.34 -7.11
N PHE C 12 -13.74 4.15 -8.14
CA PHE C 12 -12.68 5.17 -8.14
C PHE C 12 -13.24 6.58 -7.88
N ARG C 13 -12.33 7.58 -7.82
CA ARG C 13 -12.68 9.00 -7.61
C ARG C 13 -11.47 9.88 -7.99
N PRO C 14 -11.73 11.10 -8.47
CA PRO C 14 -10.66 11.97 -9.04
C PRO C 14 -9.43 12.00 -8.18
N ASP C 15 -9.62 12.33 -6.91
CA ASP C 15 -8.48 12.32 -6.04
C ASP C 15 -8.24 10.94 -5.46
N GLN C 16 -7.14 10.34 -5.92
CA GLN C 16 -6.80 9.02 -5.46
C GLN C 16 -5.31 8.80 -5.23
N PRO C 17 -4.93 9.11 -3.99
CA PRO C 17 -3.55 9.26 -3.56
C PRO C 17 -2.78 7.97 -3.55
N ASN C 18 -3.47 6.88 -3.81
CA ASN C 18 -2.85 5.57 -3.77
C ASN C 18 -2.59 4.98 -5.13
N LEU C 19 -2.61 5.83 -6.15
CA LEU C 19 -2.41 5.44 -7.53
C LEU C 19 -1.52 6.46 -8.19
N ILE C 20 -0.89 6.07 -9.27
CA ILE C 20 0.10 6.91 -9.88
C ILE C 20 -0.32 6.94 -11.33
N PHE C 21 -0.91 8.06 -11.74
CA PHE C 21 -1.33 8.14 -13.12
C PHE C 21 -0.13 8.57 -13.89
N GLN C 22 -0.10 8.18 -15.18
CA GLN C 22 1.03 8.34 -16.13
C GLN C 22 0.40 8.35 -17.52
N GLY C 23 0.91 9.13 -18.47
CA GLY C 23 0.18 9.30 -19.73
C GLY C 23 -1.21 9.88 -19.46
N GLY C 24 -2.20 9.52 -20.28
CA GLY C 24 -3.52 10.16 -20.16
C GLY C 24 -4.35 9.70 -18.97
N GLY C 25 -3.79 8.82 -18.16
CA GLY C 25 -4.56 8.19 -17.09
C GLY C 25 -5.27 9.17 -16.17
N TYR C 26 -6.57 8.99 -16.00
CA TYR C 26 -7.20 9.64 -14.87
C TYR C 26 -8.44 8.90 -14.38
N THR C 27 -8.78 9.19 -13.13
CA THR C 27 -10.04 8.77 -12.56
C THR C 27 -11.06 9.87 -12.73
N THR C 28 -12.19 9.53 -13.33
CA THR C 28 -13.42 10.31 -13.17
C THR C 28 -14.01 10.04 -11.78
N LYS C 29 -15.25 10.45 -11.64
CA LYS C 29 -16.06 10.26 -10.42
C LYS C 29 -16.34 8.79 -10.05
N GLU C 30 -15.94 7.86 -10.93
CA GLU C 30 -16.20 6.45 -10.72
C GLU C 30 -15.33 5.54 -11.56
N LYS C 31 -15.20 5.86 -12.84
CA LYS C 31 -14.39 5.06 -13.76
C LYS C 31 -12.95 5.38 -13.47
N LEU C 32 -12.07 4.44 -13.73
CA LEU C 32 -10.68 4.77 -13.89
C LEU C 32 -10.46 4.61 -15.35
N THR C 33 -10.34 5.74 -16.05
CA THR C 33 -10.24 5.75 -17.51
C THR C 33 -8.82 6.09 -18.03
N LEU C 34 -8.30 5.22 -18.90
CA LEU C 34 -6.92 5.30 -19.40
C LEU C 34 -6.78 5.99 -20.75
N THR C 35 -7.78 5.81 -21.59
CA THR C 35 -7.84 6.49 -22.85
C THR C 35 -9.27 6.77 -23.15
N LYS C 36 -9.52 8.01 -23.60
CA LYS C 36 -10.76 8.40 -24.25
C LYS C 36 -10.68 7.94 -25.69
N ALA C 37 -11.81 7.83 -26.36
CA ALA C 37 -11.81 7.43 -27.76
C ALA C 37 -11.11 8.53 -28.50
N VAL C 38 -9.80 8.38 -28.65
CA VAL C 38 -8.95 9.38 -29.27
C VAL C 38 -7.69 8.62 -29.64
N LYS C 39 -6.99 9.10 -30.67
CA LYS C 39 -5.84 8.39 -31.24
C LYS C 39 -4.55 8.66 -30.52
N ASN C 40 -3.55 7.84 -30.84
CA ASN C 40 -2.15 7.91 -30.35
C ASN C 40 -1.99 8.43 -28.96
N THR C 41 -2.50 7.63 -28.01
CA THR C 41 -2.40 7.92 -26.59
C THR C 41 -1.82 6.71 -25.83
N VAL C 42 -1.79 6.88 -24.51
CA VAL C 42 -1.24 5.93 -23.57
C VAL C 42 -1.77 6.31 -22.17
N GLY C 43 -2.43 5.34 -21.53
CA GLY C 43 -2.86 5.45 -20.16
C GLY C 43 -2.13 4.44 -19.28
N ARG C 44 -1.67 4.90 -18.13
CA ARG C 44 -1.06 4.02 -17.19
C ARG C 44 -1.39 4.42 -15.78
N ALA C 45 -1.85 3.41 -15.03
CA ALA C 45 -2.14 3.52 -13.62
C ALA C 45 -1.17 2.55 -12.93
N LEU C 46 -0.54 2.95 -11.83
CA LEU C 46 0.09 1.98 -10.96
C LEU C 46 -0.39 2.17 -9.53
N TYR C 47 -0.56 1.05 -8.81
CA TYR C 47 -0.71 1.09 -7.36
C TYR C 47 0.58 1.66 -6.75
N SER C 48 0.41 2.84 -6.20
CA SER C 48 1.41 3.48 -5.42
C SER C 48 2.40 2.58 -4.71
N LEU C 49 1.92 1.61 -3.94
CA LEU C 49 2.76 0.83 -3.02
C LEU C 49 3.52 -0.20 -3.77
N PRO C 50 4.83 -0.18 -3.58
CA PRO C 50 5.74 -1.21 -4.11
C PRO C 50 5.33 -2.53 -3.54
N ILE C 51 5.41 -3.59 -4.34
CA ILE C 51 5.03 -4.92 -3.85
C ILE C 51 6.19 -5.91 -3.83
N HIS C 52 6.35 -6.60 -2.71
CA HIS C 52 7.33 -7.66 -2.58
C HIS C 52 6.75 -9.00 -3.10
N ILE C 53 7.32 -9.51 -4.22
CA ILE C 53 6.87 -10.74 -4.94
C ILE C 53 7.75 -11.93 -4.77
N TRP C 54 9.06 -11.70 -4.57
CA TRP C 54 9.95 -12.79 -4.18
C TRP C 54 10.98 -12.20 -3.25
N ASP C 55 11.68 -13.04 -2.50
CA ASP C 55 12.70 -12.54 -1.59
C ASP C 55 13.93 -13.42 -1.58
N SER C 56 15.08 -12.76 -1.65
CA SER C 56 16.36 -13.41 -1.93
C SER C 56 17.12 -13.81 -0.67
N GLU C 57 16.39 -14.00 0.43
CA GLU C 57 16.98 -14.49 1.65
C GLU C 57 16.61 -15.92 1.85
N THR C 58 15.49 -16.29 1.21
CA THR C 58 14.81 -17.57 1.40
C THR C 58 14.51 -18.09 0.01
N GLY C 59 14.54 -17.17 -0.93
CA GLY C 59 14.26 -17.52 -2.30
C GLY C 59 12.81 -17.66 -2.71
N ASN C 60 11.84 -17.59 -1.77
CA ASN C 60 10.43 -17.87 -2.17
C ASN C 60 9.76 -16.83 -3.01
N VAL C 61 8.76 -17.28 -3.77
CA VAL C 61 7.92 -16.40 -4.60
C VAL C 61 6.50 -16.37 -4.03
N ALA C 62 5.75 -15.33 -4.40
CA ALA C 62 4.50 -15.06 -3.70
C ALA C 62 3.35 -15.57 -4.48
N ASP C 63 2.42 -16.22 -3.81
CA ASP C 63 1.17 -16.43 -4.45
C ASP C 63 0.40 -15.11 -4.49
N PHE C 64 -0.26 -14.80 -5.61
CA PHE C 64 -1.07 -13.58 -5.68
C PHE C 64 -2.26 -13.59 -6.66
N THR C 65 -3.22 -12.71 -6.44
CA THR C 65 -4.33 -12.66 -7.33
C THR C 65 -4.83 -11.30 -7.45
N THR C 66 -5.15 -10.88 -8.65
CA THR C 66 -5.80 -9.62 -8.71
C THR C 66 -7.10 -9.87 -9.37
N THR C 67 -7.97 -8.90 -9.32
CA THR C 67 -9.25 -9.01 -9.98
C THR C 67 -9.69 -7.63 -10.39
N PHE C 68 -10.22 -7.48 -11.60
CA PHE C 68 -10.80 -6.17 -12.03
C PHE C 68 -11.87 -6.31 -13.05
N ILE C 69 -12.83 -5.41 -13.01
CA ILE C 69 -13.85 -5.36 -14.03
C ILE C 69 -13.46 -4.23 -14.95
N PHE C 70 -13.42 -4.51 -16.25
CA PHE C 70 -13.02 -3.46 -17.18
C PHE C 70 -13.83 -3.49 -18.46
N VAL C 71 -14.23 -2.30 -18.91
CA VAL C 71 -15.03 -2.13 -20.11
C VAL C 71 -14.23 -1.40 -21.16
N ILE C 72 -14.05 -1.99 -22.34
CA ILE C 72 -13.57 -1.29 -23.53
C ILE C 72 -14.73 -0.83 -24.45
N ASP C 73 -14.79 0.46 -24.76
CA ASP C 73 -15.92 1.00 -25.50
C ASP C 73 -15.46 1.77 -26.74
N ALA C 74 -15.59 1.13 -27.91
CA ALA C 74 -15.13 1.71 -29.17
C ALA C 74 -16.30 2.28 -29.98
N PRO C 75 -16.28 3.60 -30.22
CA PRO C 75 -17.37 4.28 -30.92
C PRO C 75 -17.48 3.85 -32.38
N ASN C 76 -16.46 3.15 -32.83
CA ASN C 76 -16.63 2.27 -33.97
C ASN C 76 -16.71 0.81 -33.49
N GLY C 77 -17.65 0.04 -34.06
CA GLY C 77 -17.70 -1.40 -33.83
C GLY C 77 -16.61 -2.14 -34.61
N TYR C 78 -16.46 -1.78 -35.87
CA TYR C 78 -15.48 -2.45 -36.68
C TYR C 78 -14.08 -1.86 -36.44
N ASN C 79 -14.00 -0.67 -35.83
CA ASN C 79 -12.70 0.02 -35.69
C ASN C 79 -12.26 0.37 -34.28
N VAL C 80 -11.41 -0.52 -33.75
CA VAL C 80 -10.94 -0.48 -32.36
C VAL C 80 -9.48 -0.96 -32.26
N ALA C 81 -8.71 -0.30 -31.40
CA ALA C 81 -7.34 -0.70 -31.06
C ALA C 81 -6.96 0.18 -29.88
N ASP C 82 -5.83 -0.08 -29.23
CA ASP C 82 -4.84 -1.09 -29.62
C ASP C 82 -4.83 -2.22 -28.59
N GLY C 83 -5.31 -1.90 -27.39
CA GLY C 83 -5.40 -2.86 -26.33
C GLY C 83 -5.48 -2.27 -24.94
N PHE C 84 -5.56 -3.18 -23.97
CA PHE C 84 -5.58 -2.88 -22.53
C PHE C 84 -4.54 -3.81 -21.91
N THR C 85 -3.96 -3.47 -20.75
CA THR C 85 -2.99 -4.38 -20.19
C THR C 85 -2.74 -4.30 -18.73
N PHE C 86 -2.73 -5.46 -18.08
CA PHE C 86 -2.31 -5.59 -16.69
C PHE C 86 -0.87 -6.06 -16.73
N PHE C 87 -0.04 -5.57 -15.84
CA PHE C 87 1.37 -5.80 -15.97
C PHE C 87 2.00 -5.47 -14.66
N ILE C 88 3.08 -6.16 -14.42
CA ILE C 88 3.77 -6.03 -13.20
C ILE C 88 5.04 -5.49 -13.78
N ALA C 89 5.82 -4.78 -12.97
CA ALA C 89 6.91 -4.00 -13.50
C ALA C 89 7.83 -3.54 -12.38
N PRO C 90 9.07 -3.21 -12.70
CA PRO C 90 10.01 -2.66 -11.71
C PRO C 90 9.49 -1.35 -11.07
N VAL C 91 10.08 -0.99 -9.95
CA VAL C 91 9.36 -0.19 -8.99
C VAL C 91 9.09 1.19 -9.53
N ASP C 92 9.87 1.54 -10.55
CA ASP C 92 10.13 2.91 -10.91
C ASP C 92 9.91 3.03 -12.40
N THR C 93 9.34 1.98 -12.95
CA THR C 93 8.90 2.01 -14.32
C THR C 93 8.02 3.23 -14.63
N LYS C 94 8.19 3.71 -15.85
CA LYS C 94 7.33 4.74 -16.47
C LYS C 94 6.97 4.22 -17.89
N PRO C 95 6.08 4.91 -18.66
CA PRO C 95 5.57 4.39 -19.95
C PRO C 95 6.61 3.97 -20.99
N GLN C 96 6.20 3.17 -21.97
CA GLN C 96 7.09 2.80 -23.08
C GLN C 96 6.44 3.04 -24.43
N THR C 97 7.16 2.66 -25.48
CA THR C 97 6.63 2.77 -26.84
C THR C 97 5.17 2.26 -26.89
N GLY C 98 4.33 2.98 -27.63
CA GLY C 98 2.91 2.84 -27.42
C GLY C 98 2.05 2.25 -28.52
N GLY C 99 0.89 2.89 -28.73
CA GLY C 99 -0.17 2.36 -29.59
C GLY C 99 -0.24 0.85 -29.43
N GLY C 100 0.21 0.13 -30.47
CA GLY C 100 0.20 -1.35 -30.47
C GLY C 100 1.25 -1.98 -29.56
N TYR C 101 2.04 -1.17 -28.87
CA TYR C 101 3.02 -1.67 -27.91
C TYR C 101 2.45 -1.55 -26.51
N LEU C 102 1.28 -0.89 -26.47
CA LEU C 102 0.49 -0.73 -25.29
C LEU C 102 1.31 -0.08 -24.19
N GLY C 103 2.13 0.89 -24.57
CA GLY C 103 2.79 1.80 -23.62
C GLY C 103 3.59 1.14 -22.52
N VAL C 104 4.09 -0.05 -22.85
CA VAL C 104 4.57 -0.98 -21.85
C VAL C 104 5.80 -1.76 -22.39
N PHE C 105 5.79 -2.04 -23.69
CA PHE C 105 6.99 -2.60 -24.30
C PHE C 105 7.56 -1.71 -25.44
N ASN C 106 8.78 -2.02 -25.87
CA ASN C 106 9.45 -1.31 -26.93
C ASN C 106 9.76 -2.23 -28.10
N GLY C 107 10.80 -3.03 -27.95
CA GLY C 107 11.17 -4.05 -28.93
C GLY C 107 10.16 -5.18 -29.12
N LYS C 108 10.46 -6.05 -30.09
CA LYS C 108 9.57 -7.14 -30.47
C LYS C 108 10.32 -8.45 -30.29
N ASP C 109 11.63 -8.33 -30.08
CA ASP C 109 12.43 -9.47 -29.77
C ASP C 109 12.56 -9.46 -28.27
N TYR C 110 12.89 -10.63 -27.70
CA TYR C 110 13.14 -10.76 -26.27
C TYR C 110 14.09 -9.73 -25.67
N ASP C 111 13.55 -8.81 -24.89
CA ASP C 111 14.39 -7.86 -24.16
C ASP C 111 14.49 -8.16 -22.67
N LYS C 112 15.65 -8.65 -22.25
CA LYS C 112 15.86 -8.94 -20.81
C LYS C 112 15.71 -7.71 -19.88
N THR C 113 16.31 -6.59 -20.29
CA THR C 113 16.35 -5.38 -19.48
C THR C 113 14.97 -4.81 -19.19
N ALA C 114 13.97 -5.19 -19.99
CA ALA C 114 12.58 -4.88 -19.67
C ALA C 114 12.27 -5.89 -18.60
N GLN C 115 12.35 -5.46 -17.35
CA GLN C 115 12.27 -6.38 -16.22
C GLN C 115 10.82 -6.80 -15.93
N THR C 116 9.98 -6.68 -16.95
CA THR C 116 8.54 -6.51 -16.75
C THR C 116 7.70 -7.55 -17.52
N VAL C 117 6.66 -8.06 -16.84
CA VAL C 117 5.68 -9.01 -17.37
C VAL C 117 4.28 -8.43 -17.52
N ALA C 118 3.63 -8.72 -18.64
CA ALA C 118 2.30 -8.24 -18.81
C ALA C 118 1.36 -9.30 -19.31
N VAL C 119 0.07 -9.04 -19.07
CA VAL C 119 -1.09 -9.76 -19.58
C VAL C 119 -1.90 -8.78 -20.46
N GLU C 120 -2.09 -9.16 -21.72
CA GLU C 120 -2.73 -8.27 -22.64
C GLU C 120 -4.06 -8.75 -23.14
N PHE C 121 -4.93 -7.78 -23.33
CA PHE C 121 -6.17 -7.95 -24.08
C PHE C 121 -5.96 -7.04 -25.27
N ASP C 122 -5.99 -7.62 -26.48
CA ASP C 122 -5.39 -7.09 -27.72
C ASP C 122 -6.44 -6.92 -28.82
N THR C 123 -6.81 -5.67 -29.06
CA THR C 123 -7.96 -5.40 -29.91
C THR C 123 -7.62 -5.10 -31.38
N PHE C 124 -6.36 -5.30 -31.77
CA PHE C 124 -5.92 -4.95 -33.12
C PHE C 124 -4.79 -5.82 -33.65
N TYR C 125 -4.94 -6.29 -34.90
CA TYR C 125 -3.92 -7.16 -35.50
C TYR C 125 -2.63 -6.48 -36.01
N ASN C 126 -1.50 -6.88 -35.43
CA ASN C 126 -0.18 -6.50 -35.96
C ASN C 126 0.56 -7.66 -36.61
N ALA C 127 0.41 -7.78 -37.93
CA ALA C 127 1.06 -8.82 -38.75
C ALA C 127 2.59 -8.93 -38.50
N ALA C 128 3.13 -7.86 -37.94
CA ALA C 128 4.54 -7.78 -37.53
C ALA C 128 4.89 -8.84 -36.47
N TRP C 129 3.88 -9.31 -35.74
CA TRP C 129 4.11 -10.14 -34.57
C TRP C 129 2.86 -10.75 -33.97
N ASP C 130 1.72 -10.11 -34.19
CA ASP C 130 0.44 -10.64 -33.71
C ASP C 130 0.16 -11.99 -34.42
N PRO C 131 -0.59 -12.89 -33.76
CA PRO C 131 -0.87 -14.19 -34.29
C PRO C 131 -1.41 -14.07 -35.70
N SER C 132 -0.71 -14.74 -36.62
CA SER C 132 -0.99 -14.75 -38.06
C SER C 132 -2.47 -14.80 -38.41
N ASN C 133 -3.23 -15.64 -37.70
CA ASN C 133 -4.68 -15.70 -37.89
C ASN C 133 -5.36 -14.33 -37.72
N GLY C 134 -4.74 -13.41 -36.99
CA GLY C 134 -5.25 -12.05 -36.91
C GLY C 134 -6.45 -11.78 -36.00
N LYS C 135 -6.95 -12.84 -35.35
CA LYS C 135 -8.03 -12.72 -34.35
C LYS C 135 -7.62 -11.89 -33.11
N ARG C 136 -8.61 -11.23 -32.47
CA ARG C 136 -8.32 -10.52 -31.23
C ARG C 136 -7.98 -11.56 -30.16
N HIS C 137 -7.03 -11.24 -29.26
CA HIS C 137 -6.45 -12.27 -28.41
C HIS C 137 -6.09 -11.84 -26.98
N ILE C 138 -6.25 -12.78 -26.04
CA ILE C 138 -5.60 -12.67 -24.74
C ILE C 138 -4.25 -13.32 -24.87
N GLY C 139 -3.27 -12.82 -24.13
CA GLY C 139 -1.94 -13.33 -24.24
C GLY C 139 -1.08 -12.97 -23.06
N ILE C 140 -0.05 -13.79 -22.85
CA ILE C 140 0.84 -13.60 -21.75
C ILE C 140 2.14 -13.13 -22.37
N ASP C 141 2.59 -11.95 -21.96
CA ASP C 141 3.75 -11.31 -22.54
C ASP C 141 4.81 -11.25 -21.52
N VAL C 142 6.04 -11.43 -21.96
CA VAL C 142 7.17 -11.31 -21.07
C VAL C 142 8.35 -10.73 -21.82
N ASN C 143 8.58 -9.43 -21.69
CA ASN C 143 9.78 -8.78 -22.23
C ASN C 143 9.76 -8.43 -23.72
N THR C 144 8.70 -8.87 -24.40
CA THR C 144 8.44 -8.41 -25.76
C THR C 144 6.94 -8.45 -25.94
N ILE C 145 6.46 -7.71 -26.92
CA ILE C 145 5.04 -7.68 -27.22
C ILE C 145 4.59 -8.97 -27.90
N LYS C 146 5.54 -9.72 -28.47
CA LYS C 146 5.23 -11.08 -28.93
C LYS C 146 5.01 -11.94 -27.70
N SER C 147 3.80 -12.46 -27.59
CA SER C 147 3.37 -13.11 -26.39
C SER C 147 3.98 -14.48 -26.33
N ILE C 148 4.42 -14.87 -25.14
CA ILE C 148 4.73 -16.26 -24.88
C ILE C 148 3.55 -17.19 -25.26
N SER C 149 2.32 -16.87 -24.84
CA SER C 149 1.11 -17.63 -25.27
C SER C 149 0.07 -16.67 -25.82
N THR C 150 -1.05 -17.23 -26.28
CA THR C 150 -2.08 -16.45 -26.97
C THR C 150 -3.45 -17.13 -26.86
N LYS C 151 -4.52 -16.36 -27.02
CA LYS C 151 -5.83 -16.97 -27.02
C LYS C 151 -6.80 -16.07 -27.73
N SER C 152 -7.40 -16.59 -28.81
CA SER C 152 -8.47 -15.86 -29.47
C SER C 152 -9.56 -15.53 -28.46
N TRP C 153 -10.11 -14.33 -28.57
CA TRP C 153 -11.29 -13.93 -27.81
C TRP C 153 -12.05 -12.88 -28.59
N ASN C 154 -13.38 -12.96 -28.51
CA ASN C 154 -14.30 -12.05 -29.17
C ASN C 154 -14.67 -10.88 -28.27
N LEU C 155 -14.19 -9.67 -28.58
CA LEU C 155 -14.52 -8.53 -27.73
C LEU C 155 -16.00 -8.23 -27.80
N GLN C 156 -16.62 -8.11 -26.65
CA GLN C 156 -17.93 -7.48 -26.60
C GLN C 156 -17.80 -6.01 -26.22
N ASN C 157 -18.10 -5.15 -27.17
CA ASN C 157 -17.92 -3.75 -26.95
C ASN C 157 -18.86 -3.13 -25.87
N GLY C 158 -18.31 -2.29 -25.01
CA GLY C 158 -19.14 -1.67 -23.99
C GLY C 158 -19.62 -2.68 -22.96
N GLU C 159 -18.96 -3.84 -22.93
CA GLU C 159 -19.38 -4.88 -22.02
C GLU C 159 -18.45 -4.94 -20.84
N GLU C 160 -19.06 -4.89 -19.65
CA GLU C 160 -18.37 -5.14 -18.39
C GLU C 160 -17.78 -6.53 -18.47
N ALA C 161 -16.48 -6.64 -18.29
CA ALA C 161 -15.85 -7.95 -18.33
C ALA C 161 -14.90 -8.21 -17.16
N HIS C 162 -15.43 -8.79 -16.10
CA HIS C 162 -14.66 -9.17 -14.91
C HIS C 162 -13.58 -10.18 -15.28
N VAL C 163 -12.43 -10.10 -14.64
CA VAL C 163 -11.31 -10.95 -15.01
C VAL C 163 -10.47 -11.19 -13.81
N ALA C 164 -9.99 -12.42 -13.71
CA ALA C 164 -9.08 -12.81 -12.66
C ALA C 164 -7.76 -13.32 -13.27
N ILE C 165 -6.71 -12.99 -12.57
CA ILE C 165 -5.41 -13.35 -13.00
C ILE C 165 -4.76 -13.71 -11.72
N SER C 166 -4.05 -14.82 -11.72
CA SER C 166 -3.45 -15.32 -10.49
C SER C 166 -2.22 -16.15 -10.78
N PHE C 167 -1.40 -16.34 -9.77
CA PHE C 167 -0.15 -16.99 -10.05
C PHE C 167 0.23 -17.96 -8.94
N ASN C 168 0.42 -19.25 -9.29
CA ASN C 168 0.87 -20.23 -8.31
C ASN C 168 2.37 -20.24 -8.09
N ALA C 169 2.75 -19.93 -6.87
CA ALA C 169 4.15 -19.85 -6.49
C ALA C 169 4.82 -21.22 -6.51
N THR C 170 4.08 -22.27 -6.09
CA THR C 170 4.61 -23.66 -6.13
C THR C 170 4.69 -24.13 -7.56
N THR C 171 3.58 -24.18 -8.27
CA THR C 171 3.65 -24.67 -9.65
C THR C 171 4.19 -23.62 -10.57
N ASN C 172 4.28 -22.40 -10.05
CA ASN C 172 4.75 -21.28 -10.82
C ASN C 172 3.98 -21.17 -12.14
N VAL C 173 2.67 -21.17 -12.07
CA VAL C 173 1.93 -20.94 -13.28
C VAL C 173 1.04 -19.71 -13.12
N LEU C 174 1.07 -18.88 -14.16
CA LEU C 174 0.11 -17.77 -14.34
C LEU C 174 -1.14 -18.38 -14.95
N SER C 175 -2.17 -17.57 -15.11
CA SER C 175 -3.34 -18.00 -15.82
C SER C 175 -4.26 -16.86 -15.70
N VAL C 176 -5.14 -16.78 -16.68
CA VAL C 176 -6.06 -15.71 -16.78
C VAL C 176 -7.45 -16.22 -17.07
N THR C 177 -8.43 -15.45 -16.63
CA THR C 177 -9.76 -15.74 -16.92
C THR C 177 -10.46 -14.46 -17.15
N LEU C 178 -11.06 -14.32 -18.34
CA LEU C 178 -12.04 -13.29 -18.63
C LEU C 178 -13.38 -13.93 -18.79
N LEU C 179 -14.42 -13.20 -18.39
CA LEU C 179 -15.79 -13.65 -18.40
C LEU C 179 -16.70 -12.49 -18.75
N TYR C 180 -17.72 -12.78 -19.57
CA TYR C 180 -18.89 -11.92 -19.75
C TYR C 180 -20.17 -12.53 -19.19
N PRO C 181 -21.11 -11.68 -18.77
CA PRO C 181 -22.43 -12.14 -18.38
C PRO C 181 -23.08 -13.07 -19.41
N ASN C 182 -22.83 -12.80 -20.68
CA ASN C 182 -23.38 -13.55 -21.79
C ASN C 182 -22.28 -14.07 -22.67
N LEU D 1 -23.21 -16.28 -20.74
CA LEU D 1 -21.92 -16.45 -20.02
C LEU D 1 -20.92 -17.12 -20.97
N THR D 2 -20.07 -16.31 -21.59
CA THR D 2 -18.98 -16.89 -22.38
C THR D 2 -17.77 -16.54 -21.57
N GLY D 3 -16.67 -17.26 -21.73
CA GLY D 3 -15.53 -16.98 -20.89
C GLY D 3 -14.28 -17.52 -21.54
N TYR D 4 -13.18 -16.78 -21.43
CA TYR D 4 -11.94 -17.26 -21.98
C TYR D 4 -10.98 -17.50 -20.85
N THR D 5 -10.03 -18.39 -21.05
CA THR D 5 -9.00 -18.57 -20.04
C THR D 5 -7.69 -19.06 -20.64
N LEU D 6 -6.60 -18.37 -20.33
CA LEU D 6 -5.31 -18.81 -20.78
C LEU D 6 -4.43 -19.11 -19.58
N SER D 7 -3.47 -20.00 -19.78
CA SER D 7 -2.56 -20.42 -18.69
C SER D 7 -1.13 -20.71 -19.14
N GLU D 8 -0.18 -20.65 -18.22
CA GLU D 8 1.24 -20.71 -18.62
C GLU D 8 2.23 -20.56 -17.47
N VAL D 9 3.26 -21.40 -17.39
CA VAL D 9 4.29 -21.10 -16.38
C VAL D 9 5.15 -19.94 -16.82
N VAL D 10 5.62 -19.19 -15.82
CA VAL D 10 6.42 -18.02 -16.05
C VAL D 10 7.17 -17.69 -14.78
N PRO D 11 8.49 -17.80 -14.82
CA PRO D 11 9.28 -17.96 -13.62
C PRO D 11 9.64 -16.59 -13.09
N LEU D 12 8.66 -15.95 -12.47
CA LEU D 12 8.75 -14.57 -12.05
C LEU D 12 10.03 -14.17 -11.34
N LYS D 13 10.60 -15.09 -10.53
CA LYS D 13 11.80 -14.78 -9.76
C LYS D 13 12.94 -14.60 -10.73
N ASP D 14 12.96 -15.47 -11.74
CA ASP D 14 13.92 -15.37 -12.78
C ASP D 14 13.84 -14.01 -13.44
N VAL D 15 12.64 -13.42 -13.53
CA VAL D 15 12.42 -12.33 -14.48
C VAL D 15 12.23 -10.92 -13.95
N VAL D 16 11.59 -10.78 -12.79
CA VAL D 16 11.31 -9.46 -12.27
C VAL D 16 12.07 -9.16 -10.95
N PRO D 17 12.23 -7.87 -10.64
CA PRO D 17 13.05 -7.47 -9.51
C PRO D 17 12.35 -7.85 -8.22
N GLU D 18 13.05 -7.78 -7.11
CA GLU D 18 12.47 -8.23 -5.86
C GLU D 18 11.16 -7.50 -5.55
N TRP D 19 11.11 -6.19 -5.86
CA TRP D 19 9.94 -5.35 -5.62
C TRP D 19 9.31 -4.82 -6.91
N VAL D 20 7.99 -4.88 -7.03
CA VAL D 20 7.34 -4.43 -8.27
C VAL D 20 6.39 -3.25 -8.13
N ARG D 21 5.76 -2.86 -9.24
CA ARG D 21 4.51 -2.11 -9.21
C ARG D 21 3.56 -2.84 -10.15
N ILE D 22 2.28 -2.73 -9.86
CA ILE D 22 1.35 -3.26 -10.78
C ILE D 22 0.57 -2.08 -11.24
N GLY D 23 0.00 -2.23 -12.41
CA GLY D 23 -0.95 -1.29 -12.86
C GLY D 23 -1.48 -1.81 -14.14
N PHE D 24 -2.21 -0.94 -14.78
CA PHE D 24 -2.73 -1.24 -16.06
C PHE D 24 -2.07 -0.27 -17.01
N SER D 25 -2.00 -0.64 -18.27
CA SER D 25 -1.43 0.20 -19.30
C SER D 25 -2.28 -0.04 -20.51
N ALA D 26 -2.86 1.03 -21.03
CA ALA D 26 -3.78 0.88 -22.19
C ALA D 26 -3.54 1.99 -23.21
N THR D 27 -3.55 1.62 -24.49
CA THR D 27 -3.16 2.53 -25.57
C THR D 27 -4.04 2.47 -26.81
N THR D 28 -4.25 3.63 -27.41
CA THR D 28 -4.75 3.75 -28.78
C THR D 28 -3.58 4.11 -29.70
N GLY D 29 -3.84 4.01 -30.99
CA GLY D 29 -2.88 4.42 -31.97
C GLY D 29 -3.61 5.07 -33.11
N ALA D 30 -3.47 4.43 -34.27
CA ALA D 30 -4.10 4.89 -35.50
C ALA D 30 -5.61 4.76 -35.29
N GLU D 31 -6.08 3.55 -35.01
CA GLU D 31 -7.44 3.39 -34.51
C GLU D 31 -7.44 3.47 -32.99
N TYR D 32 -8.63 3.47 -32.39
CA TYR D 32 -8.75 3.87 -30.99
C TYR D 32 -10.02 3.36 -30.28
N ALA D 33 -10.09 3.62 -28.97
CA ALA D 33 -11.26 3.29 -28.15
C ALA D 33 -11.13 3.81 -26.70
N THR D 34 -12.25 3.98 -26.00
CA THR D 34 -12.27 4.10 -24.52
C THR D 34 -11.81 2.81 -23.78
N HIS D 35 -10.77 2.93 -22.96
CA HIS D 35 -10.31 1.81 -22.14
C HIS D 35 -10.35 2.19 -20.68
N GLU D 36 -11.38 1.77 -19.97
CA GLU D 36 -11.55 2.19 -18.60
C GLU D 36 -11.78 1.02 -17.64
N VAL D 37 -11.40 1.16 -16.37
CA VAL D 37 -11.53 0.04 -15.42
C VAL D 37 -12.41 0.39 -14.24
N LEU D 38 -13.35 -0.49 -13.94
CA LEU D 38 -14.37 -0.15 -12.97
C LEU D 38 -13.99 -0.36 -11.51
N SER D 39 -13.09 -1.30 -11.21
CA SER D 39 -12.78 -1.69 -9.82
C SER D 39 -11.61 -2.67 -9.78
N TRP D 40 -10.97 -2.80 -8.62
CA TRP D 40 -9.69 -3.49 -8.50
C TRP D 40 -9.49 -4.18 -7.14
N THR D 41 -9.27 -5.49 -7.13
CA THR D 41 -8.75 -6.11 -5.90
C THR D 41 -7.43 -6.76 -6.17
N PHE D 42 -6.66 -6.88 -5.11
CA PHE D 42 -5.44 -7.57 -5.21
C PHE D 42 -4.96 -8.06 -3.88
N LEU D 43 -4.64 -9.36 -3.78
CA LEU D 43 -4.03 -9.98 -2.61
C LEU D 43 -2.74 -10.68 -2.96
N SER D 44 -1.82 -10.75 -2.01
CA SER D 44 -0.63 -11.53 -2.21
C SER D 44 -0.13 -12.10 -0.88
N GLU D 45 0.52 -13.29 -0.89
CA GLU D 45 1.17 -13.94 0.28
C GLU D 45 2.66 -14.23 0.08
N LEU D 46 3.41 -14.26 1.16
CA LEU D 46 4.82 -14.55 1.01
C LEU D 46 5.43 -15.31 2.18
N THR D 47 5.38 -16.63 2.07
CA THR D 47 6.18 -17.49 2.95
C THR D 47 7.65 -17.47 2.53
#